data_2MJP
#
_entry.id   2MJP
#
_cell.length_a   44.360
_cell.length_b   72.130
_cell.length_c   140.530
_cell.angle_alpha   90.00
_cell.angle_beta   90.00
_cell.angle_gamma   90.00
#
_symmetry.space_group_name_H-M   'P 21 21 21'
#
loop_
_entity.id
_entity.type
_entity.pdbx_description
1 polymer PYROPHOSPHATASE
2 non-polymer 'PHOSPHOAMINOPHOSPHONIC ACID-ADENYLATE ESTER'
3 water water
#
_entity_poly.entity_id   1
_entity_poly.type   'polypeptide(L)'
_entity_poly.pdbx_seq_one_letter_code
;MQRTLGEIMKIYFATGNPNKIKEANIILKDLKDVEIEQIKISYPEIQGTLEEVAEFGAKWVYNILKKPVIVEDSGFFVEA
LNGFPGTYSKFVQETIGNEGILKLLEGKDNRNAYFKTVIGYCDENGVRLFKGIVKGRVSEEIRSKGYGFAYDSIFIPEEE
ERTFAEMTTEEKSQISHRKKAFEEFKKFLLDRI
;
_entity_poly.pdbx_strand_id   A,B
#
# COMPACT_ATOMS: atom_id res chain seq x y z
N LYS A 10 -1.55 26.60 19.00
CA LYS A 10 -1.17 25.22 19.27
C LYS A 10 -1.89 24.23 18.36
N ILE A 11 -1.11 23.51 17.55
CA ILE A 11 -1.67 22.54 16.61
C ILE A 11 -0.96 21.20 16.82
N TYR A 12 -1.76 20.13 16.87
CA TYR A 12 -1.23 18.79 17.10
C TYR A 12 -0.80 17.99 15.87
N PHE A 13 0.34 17.31 15.99
CA PHE A 13 0.91 16.52 14.89
C PHE A 13 0.92 15.04 15.30
N ALA A 14 -0.01 14.26 14.76
CA ALA A 14 -0.14 12.82 15.02
C ALA A 14 0.95 12.03 14.35
N THR A 15 2.02 11.75 15.09
CA THR A 15 3.16 11.01 14.54
C THR A 15 4.02 10.48 15.66
N GLY A 16 4.87 9.51 15.32
CA GLY A 16 5.77 8.94 16.32
C GLY A 16 7.16 9.51 16.16
N ASN A 17 7.39 10.25 15.09
CA ASN A 17 8.70 10.84 14.88
C ASN A 17 8.80 12.25 15.44
N PRO A 18 9.44 12.44 16.62
CA PRO A 18 9.55 13.77 17.19
C PRO A 18 10.21 14.77 16.25
N ASN A 19 11.15 14.31 15.43
CA ASN A 19 11.85 15.20 14.49
C ASN A 19 10.94 15.98 13.55
N LYS A 20 9.79 15.41 13.22
CA LYS A 20 8.83 16.07 12.32
C LYS A 20 8.24 17.31 12.95
N ILE A 21 8.15 17.30 14.28
CA ILE A 21 7.60 18.42 15.03
C ILE A 21 8.69 19.48 15.15
N LYS A 22 9.92 19.05 15.40
CA LYS A 22 11.00 20.01 15.48
C LYS A 22 11.15 20.67 14.12
N GLU A 23 11.06 19.87 13.05
CA GLU A 23 11.17 20.40 11.71
C GLU A 23 10.00 21.35 11.40
N ALA A 24 8.79 20.96 11.78
CA ALA A 24 7.63 21.81 11.52
C ALA A 24 7.75 23.13 12.26
N ASN A 25 8.19 23.08 13.51
CA ASN A 25 8.35 24.29 14.33
C ASN A 25 9.38 25.27 13.78
N ILE A 26 10.42 24.77 13.16
CA ILE A 26 11.41 25.68 12.60
C ILE A 26 10.87 26.41 11.37
N ILE A 27 10.17 25.70 10.48
CA ILE A 27 9.66 26.36 9.29
C ILE A 27 8.59 27.38 9.69
N LEU A 28 7.99 27.17 10.85
CA LEU A 28 6.93 28.04 11.33
C LEU A 28 7.33 28.92 12.54
N LYS A 29 8.61 28.96 12.90
CA LYS A 29 9.01 29.74 14.07
C LYS A 29 8.46 31.15 13.99
N ASP A 30 8.46 31.68 12.77
CA ASP A 30 7.98 33.01 12.48
C ASP A 30 6.61 33.31 13.09
N LEU A 31 5.63 32.44 12.85
CA LEU A 31 4.29 32.61 13.39
C LEU A 31 4.35 32.63 14.90
N LYS A 32 4.67 33.80 15.44
CA LYS A 32 4.80 34.04 16.87
C LYS A 32 3.72 33.37 17.72
N ASP A 33 2.49 33.45 17.23
CA ASP A 33 1.35 32.90 17.93
C ASP A 33 1.02 31.43 17.68
N VAL A 34 1.77 30.74 16.83
CA VAL A 34 1.50 29.33 16.56
C VAL A 34 2.59 28.40 17.09
N GLU A 35 2.16 27.24 17.55
CA GLU A 35 3.07 26.25 18.11
C GLU A 35 2.62 24.87 17.65
N ILE A 36 3.57 23.99 17.34
CA ILE A 36 3.23 22.64 16.89
C ILE A 36 3.57 21.67 18.02
N GLU A 37 2.62 20.81 18.35
CA GLU A 37 2.88 19.84 19.40
C GLU A 37 2.53 18.42 19.00
N GLN A 38 3.45 17.51 19.25
CA GLN A 38 3.24 16.11 18.93
C GLN A 38 2.12 15.56 19.78
N ILE A 39 1.32 14.71 19.17
CA ILE A 39 0.22 14.02 19.84
C ILE A 39 0.42 12.56 19.42
N LYS A 40 0.61 11.68 20.40
CA LYS A 40 0.82 10.29 20.10
C LYS A 40 -0.46 9.52 19.82
N ILE A 41 -1.15 9.87 18.74
CA ILE A 41 -2.37 9.15 18.39
C ILE A 41 -2.08 8.44 17.06
N SER A 42 -2.25 7.12 17.02
CA SER A 42 -2.04 6.39 15.77
C SER A 42 -3.31 6.44 14.93
N TYR A 43 -3.16 6.27 13.63
CA TYR A 43 -4.31 6.26 12.73
C TYR A 43 -4.00 5.29 11.60
N PRO A 44 -5.03 4.78 10.92
CA PRO A 44 -4.67 3.87 9.83
C PRO A 44 -4.20 4.65 8.64
N GLU A 45 -3.15 4.14 7.99
CA GLU A 45 -2.66 4.75 6.79
C GLU A 45 -3.29 3.89 5.73
N ILE A 46 -4.22 4.46 4.98
CA ILE A 46 -4.92 3.71 3.96
C ILE A 46 -4.20 3.60 2.65
N GLN A 47 -4.64 2.68 1.81
CA GLN A 47 -4.06 2.53 0.50
C GLN A 47 -4.77 3.57 -0.38
N GLY A 48 -3.99 4.28 -1.19
CA GLY A 48 -4.55 5.32 -2.04
C GLY A 48 -3.50 6.39 -2.19
N THR A 49 -3.85 7.56 -2.72
CA THR A 49 -2.88 8.63 -2.91
C THR A 49 -2.46 9.21 -1.58
N LEU A 50 -1.34 9.92 -1.57
CA LEU A 50 -0.88 10.57 -0.37
C LEU A 50 -2.03 11.45 0.17
N GLU A 51 -2.75 12.10 -0.72
CA GLU A 51 -3.88 12.96 -0.35
C GLU A 51 -4.90 12.17 0.46
N GLU A 52 -5.35 11.03 -0.09
CA GLU A 52 -6.31 10.14 0.58
C GLU A 52 -5.79 9.66 1.92
N VAL A 53 -4.50 9.30 1.97
CA VAL A 53 -3.91 8.85 3.22
C VAL A 53 -3.93 9.96 4.26
N ALA A 54 -3.58 11.19 3.87
CA ALA A 54 -3.55 12.28 4.83
C ALA A 54 -4.90 12.83 5.23
N GLU A 55 -5.85 12.81 4.30
CA GLU A 55 -7.18 13.28 4.63
C GLU A 55 -7.79 12.33 5.65
N PHE A 56 -7.77 11.04 5.31
CA PHE A 56 -8.31 9.99 6.19
C PHE A 56 -7.58 10.08 7.52
N GLY A 57 -6.26 10.13 7.46
CA GLY A 57 -5.51 10.23 8.69
C GLY A 57 -5.94 11.41 9.54
N ALA A 58 -5.93 12.62 8.99
CA ALA A 58 -6.29 13.80 9.79
C ALA A 58 -7.69 13.73 10.37
N LYS A 59 -8.67 13.23 9.60
CA LYS A 59 -10.05 13.09 10.12
C LYS A 59 -10.09 12.06 11.26
N TRP A 60 -9.38 10.95 11.09
CA TRP A 60 -9.34 9.92 12.11
C TRP A 60 -8.83 10.43 13.47
N VAL A 61 -7.76 11.22 13.44
CA VAL A 61 -7.20 11.74 14.67
C VAL A 61 -8.08 12.88 15.21
N TYR A 62 -8.69 13.64 14.30
CA TYR A 62 -9.51 14.76 14.76
C TYR A 62 -10.73 14.20 15.49
N ASN A 63 -11.32 13.14 14.94
CA ASN A 63 -12.48 12.52 15.54
C ASN A 63 -12.14 12.12 16.98
N ILE A 64 -10.88 11.78 17.22
CA ILE A 64 -10.46 11.36 18.54
C ILE A 64 -10.04 12.52 19.44
N LEU A 65 -9.20 13.42 18.93
CA LEU A 65 -8.73 14.54 19.73
C LEU A 65 -9.63 15.76 19.73
N LYS A 66 -10.38 15.96 18.64
CA LYS A 66 -11.27 17.11 18.52
C LYS A 66 -10.61 18.45 18.86
N LYS A 67 -9.36 18.60 18.45
CA LYS A 67 -8.56 19.82 18.65
C LYS A 67 -7.78 19.92 17.33
N PRO A 68 -7.39 21.14 16.91
CA PRO A 68 -6.64 21.32 15.65
C PRO A 68 -5.44 20.38 15.45
N VAL A 69 -5.46 19.59 14.39
CA VAL A 69 -4.37 18.65 14.19
C VAL A 69 -3.90 18.44 12.74
N ILE A 70 -2.64 18.01 12.59
CA ILE A 70 -2.08 17.69 11.27
C ILE A 70 -1.47 16.29 11.22
N VAL A 71 -1.44 15.74 10.02
CA VAL A 71 -0.87 14.43 9.77
C VAL A 71 -0.06 14.69 8.51
N GLU A 72 0.71 13.71 8.05
CA GLU A 72 1.53 13.91 6.89
C GLU A 72 1.91 12.57 6.27
N ASP A 73 1.97 12.51 4.94
CA ASP A 73 2.39 11.28 4.27
C ASP A 73 3.27 11.77 3.14
N SER A 74 4.36 11.07 2.89
CA SER A 74 5.33 11.45 1.89
C SER A 74 5.68 10.29 0.97
N GLY A 75 6.19 10.60 -0.21
CA GLY A 75 6.58 9.53 -1.09
C GLY A 75 7.52 9.92 -2.23
N PHE A 76 8.09 8.90 -2.85
CA PHE A 76 9.07 8.96 -3.94
C PHE A 76 8.40 8.40 -5.17
N PHE A 77 8.43 9.14 -6.28
CA PHE A 77 7.76 8.70 -7.50
C PHE A 77 8.65 8.64 -8.72
N VAL A 78 8.82 7.46 -9.30
CA VAL A 78 9.67 7.32 -10.45
C VAL A 78 8.80 7.21 -11.69
N GLU A 79 9.05 8.10 -12.63
CA GLU A 79 8.27 8.17 -13.87
C GLU A 79 8.16 6.95 -14.77
N ALA A 80 9.31 6.35 -15.08
CA ALA A 80 9.34 5.21 -15.96
C ALA A 80 8.75 4.01 -15.23
N LEU A 81 8.44 4.21 -13.95
CA LEU A 81 7.89 3.16 -13.11
C LEU A 81 6.43 3.47 -12.82
N ASN A 82 5.88 4.43 -13.56
CA ASN A 82 4.49 4.84 -13.44
C ASN A 82 4.07 5.40 -12.07
N GLY A 83 5.02 6.10 -11.41
CA GLY A 83 4.75 6.71 -10.12
C GLY A 83 5.10 5.82 -8.93
N PHE A 84 5.50 4.59 -9.21
CA PHE A 84 5.85 3.61 -8.18
C PHE A 84 7.17 4.13 -7.61
N PRO A 85 7.45 3.90 -6.31
CA PRO A 85 6.71 3.19 -5.25
C PRO A 85 5.54 4.04 -4.72
N GLY A 86 5.67 5.36 -4.82
CA GLY A 86 4.61 6.26 -4.40
C GLY A 86 4.26 6.24 -2.94
N THR A 87 2.99 5.98 -2.63
CA THR A 87 2.59 5.96 -1.22
C THR A 87 3.07 4.74 -0.42
N TYR A 88 3.64 3.74 -1.10
CA TYR A 88 4.19 2.54 -0.44
C TYR A 88 5.71 2.60 -0.58
N SER A 89 6.25 3.81 -0.60
CA SER A 89 7.68 3.98 -0.77
C SER A 89 8.48 3.34 0.35
N LYS A 90 8.01 3.39 1.59
CA LYS A 90 8.72 2.76 2.71
C LYS A 90 8.80 1.24 2.62
N PHE A 91 7.66 0.60 2.34
CA PHE A 91 7.55 -0.85 2.18
C PHE A 91 8.48 -1.29 1.08
N VAL A 92 8.50 -0.56 -0.01
CA VAL A 92 9.37 -0.88 -1.13
C VAL A 92 10.84 -0.67 -0.69
N GLN A 93 11.14 0.38 0.06
CA GLN A 93 12.53 0.59 0.47
C GLN A 93 13.00 -0.61 1.30
N GLU A 94 12.15 -1.08 2.20
CA GLU A 94 12.50 -2.21 3.04
C GLU A 94 12.62 -3.58 2.34
N THR A 95 11.83 -3.80 1.31
CA THR A 95 11.84 -5.07 0.62
C THR A 95 12.79 -5.11 -0.57
N ILE A 96 12.78 -4.09 -1.43
CA ILE A 96 13.69 -4.13 -2.58
C ILE A 96 14.67 -2.97 -2.58
N GLY A 97 14.49 -2.05 -1.64
CA GLY A 97 15.40 -0.93 -1.53
C GLY A 97 15.84 -0.21 -2.80
N ASN A 98 16.85 0.64 -2.64
CA ASN A 98 17.38 1.43 -3.71
C ASN A 98 17.93 0.56 -4.82
N GLU A 99 18.53 -0.59 -4.48
CA GLU A 99 19.05 -1.48 -5.53
C GLU A 99 17.89 -1.91 -6.43
N GLY A 100 16.76 -2.20 -5.78
CA GLY A 100 15.59 -2.62 -6.51
C GLY A 100 15.19 -1.52 -7.46
N ILE A 101 15.19 -0.27 -7.00
CA ILE A 101 14.84 0.80 -7.90
C ILE A 101 15.79 0.86 -9.11
N LEU A 102 17.11 0.82 -8.88
CA LEU A 102 18.08 0.88 -10.00
C LEU A 102 18.03 -0.30 -10.96
N LYS A 103 17.66 -1.47 -10.45
CA LYS A 103 17.54 -2.65 -11.28
C LYS A 103 16.39 -2.36 -12.27
N LEU A 104 15.28 -1.93 -11.73
CA LEU A 104 14.08 -1.59 -12.48
C LEU A 104 14.28 -0.44 -13.48
N LEU A 105 15.21 0.47 -13.20
CA LEU A 105 15.45 1.60 -14.10
C LEU A 105 16.55 1.28 -15.09
N GLU A 106 17.05 0.06 -15.04
CA GLU A 106 18.12 -0.35 -15.95
C GLU A 106 17.66 -0.23 -17.39
N GLY A 107 18.41 0.49 -18.20
CA GLY A 107 18.04 0.66 -19.61
C GLY A 107 16.97 1.71 -19.88
N LYS A 108 16.43 2.35 -18.84
CA LYS A 108 15.42 3.36 -19.02
C LYS A 108 16.09 4.72 -19.30
N ASP A 109 15.57 5.41 -20.30
CA ASP A 109 16.11 6.71 -20.67
C ASP A 109 15.49 7.79 -19.80
N ASN A 110 14.25 7.58 -19.41
CA ASN A 110 13.57 8.51 -18.53
C ASN A 110 13.87 8.10 -17.10
N ARG A 111 14.78 8.83 -16.45
CA ARG A 111 15.16 8.58 -15.06
C ARG A 111 14.51 9.62 -14.16
N ASN A 112 13.52 10.34 -14.70
CA ASN A 112 12.85 11.36 -13.91
C ASN A 112 12.01 10.78 -12.78
N ALA A 113 11.99 11.52 -11.68
CA ALA A 113 11.27 11.14 -10.46
C ALA A 113 11.05 12.38 -9.61
N TYR A 114 10.32 12.22 -8.51
CA TYR A 114 10.05 13.35 -7.63
C TYR A 114 9.61 12.89 -6.23
N PHE A 115 9.85 13.73 -5.21
CA PHE A 115 9.40 13.42 -3.85
C PHE A 115 8.21 14.35 -3.66
N LYS A 116 7.27 13.99 -2.78
CA LYS A 116 6.10 14.84 -2.55
C LYS A 116 5.58 14.56 -1.15
N THR A 117 5.18 15.63 -0.47
CA THR A 117 4.65 15.53 0.89
C THR A 117 3.25 16.17 0.86
N VAL A 118 2.32 15.56 1.58
CA VAL A 118 0.99 16.12 1.66
C VAL A 118 0.72 16.21 3.14
N ILE A 119 0.39 17.41 3.60
CA ILE A 119 0.11 17.58 5.02
C ILE A 119 -1.41 17.55 5.07
N GLY A 120 -1.95 16.94 6.11
CA GLY A 120 -3.39 16.89 6.26
C GLY A 120 -3.81 17.64 7.51
N TYR A 121 -4.47 18.78 7.32
CA TYR A 121 -4.95 19.55 8.45
C TYR A 121 -6.44 19.30 8.67
N CYS A 122 -6.89 19.40 9.91
CA CYS A 122 -8.31 19.20 10.25
C CYS A 122 -8.72 19.84 11.57
N ASP A 123 -9.86 20.53 11.57
CA ASP A 123 -10.39 21.07 12.82
C ASP A 123 -11.92 21.04 12.71
N GLU A 124 -12.60 21.78 13.58
CA GLU A 124 -14.05 21.81 13.56
C GLU A 124 -14.58 22.16 12.17
N ASN A 125 -13.80 22.90 11.39
CA ASN A 125 -14.21 23.28 10.04
C ASN A 125 -13.88 22.27 8.94
N GLY A 126 -13.17 21.19 9.27
CA GLY A 126 -12.87 20.20 8.25
C GLY A 126 -11.43 20.00 7.85
N VAL A 127 -11.19 19.15 6.87
CA VAL A 127 -9.83 18.85 6.42
C VAL A 127 -9.33 19.73 5.29
N ARG A 128 -8.04 20.06 5.31
CA ARG A 128 -7.43 20.90 4.31
C ARG A 128 -6.10 20.23 3.92
N LEU A 129 -5.81 20.12 2.62
CA LEU A 129 -4.56 19.51 2.17
C LEU A 129 -3.57 20.56 1.68
N PHE A 130 -2.29 20.35 2.03
CA PHE A 130 -1.18 21.24 1.66
C PHE A 130 -0.03 20.42 1.07
N LYS A 131 0.38 20.75 -0.15
CA LYS A 131 1.40 19.97 -0.80
C LYS A 131 2.73 20.62 -1.17
N GLY A 132 3.72 19.77 -1.42
CA GLY A 132 5.04 20.24 -1.80
C GLY A 132 5.67 19.14 -2.63
N ILE A 133 6.41 19.54 -3.64
CA ILE A 133 7.07 18.56 -4.49
C ILE A 133 8.43 19.05 -4.90
N VAL A 134 9.33 18.12 -5.18
CA VAL A 134 10.63 18.48 -5.65
C VAL A 134 10.89 17.49 -6.79
N LYS A 135 11.07 18.04 -7.98
CA LYS A 135 11.32 17.24 -9.18
C LYS A 135 12.82 17.08 -9.39
N GLY A 136 13.18 15.94 -9.94
CA GLY A 136 14.58 15.68 -10.14
C GLY A 136 14.70 14.46 -11.00
N ARG A 137 15.80 13.71 -10.81
CA ARG A 137 16.05 12.52 -11.59
C ARG A 137 16.80 11.52 -10.74
N VAL A 138 16.68 10.25 -11.11
CA VAL A 138 17.33 9.14 -10.39
C VAL A 138 18.73 8.95 -10.94
N SER A 139 19.72 8.80 -10.05
CA SER A 139 21.07 8.61 -10.52
C SER A 139 21.31 7.16 -10.90
N GLU A 140 22.38 6.90 -11.63
CA GLU A 140 22.64 5.54 -12.07
C GLU A 140 23.31 4.67 -11.03
N GLU A 141 23.80 5.32 -9.97
CA GLU A 141 24.44 4.60 -8.90
C GLU A 141 24.14 5.33 -7.58
N ILE A 142 24.39 4.62 -6.49
CA ILE A 142 24.23 5.11 -5.13
C ILE A 142 25.37 6.11 -4.93
N ARG A 143 25.03 7.36 -4.61
CA ARG A 143 26.05 8.37 -4.34
C ARG A 143 25.71 8.93 -2.96
N SER A 144 26.58 8.76 -1.98
CA SER A 144 26.28 9.27 -0.64
C SER A 144 27.44 9.83 0.17
N LYS A 145 27.17 10.88 0.94
CA LYS A 145 28.16 11.49 1.83
C LYS A 145 27.65 11.25 3.25
N GLY A 146 26.74 10.29 3.40
CA GLY A 146 26.19 9.96 4.71
C GLY A 146 25.11 10.90 5.22
N TYR A 147 24.50 11.65 4.32
CA TYR A 147 23.50 12.66 4.65
C TYR A 147 22.00 12.33 4.69
N GLY A 148 21.53 11.36 3.92
CA GLY A 148 20.09 11.19 4.02
C GLY A 148 19.56 9.84 4.46
N PHE A 149 18.31 9.60 4.07
CA PHE A 149 17.59 8.37 4.35
C PHE A 149 17.26 7.72 3.01
N ALA A 150 17.12 6.40 3.05
CA ALA A 150 16.66 5.62 1.92
C ALA A 150 17.00 6.06 0.50
N TYR A 151 15.97 6.58 -0.21
CA TYR A 151 16.11 6.99 -1.61
C TYR A 151 16.96 8.22 -1.89
N ASP A 152 17.40 8.87 -0.82
CA ASP A 152 18.19 10.08 -0.95
C ASP A 152 19.53 9.84 -1.64
N SER A 153 20.07 8.62 -1.53
CA SER A 153 21.32 8.27 -2.19
C SER A 153 21.15 8.07 -3.70
N ILE A 154 19.92 8.10 -4.21
CA ILE A 154 19.72 8.01 -5.66
C ILE A 154 18.84 9.10 -6.26
N PHE A 155 18.54 10.16 -5.52
CA PHE A 155 17.69 11.20 -6.10
C PHE A 155 18.46 12.48 -6.28
N ILE A 156 18.47 12.99 -7.51
CA ILE A 156 19.18 14.24 -7.77
C ILE A 156 18.08 15.31 -7.97
N PRO A 157 18.06 16.31 -7.10
CA PRO A 157 17.04 17.35 -7.21
C PRO A 157 17.29 18.43 -8.23
N GLU A 158 16.24 18.69 -9.03
CA GLU A 158 16.23 19.74 -10.02
C GLU A 158 17.51 19.92 -10.85
N GLU A 159 18.16 21.06 -10.69
CA GLU A 159 19.37 21.38 -11.46
C GLU A 159 20.70 21.01 -10.84
N GLU A 160 20.63 20.25 -9.74
CA GLU A 160 21.80 19.81 -9.01
C GLU A 160 22.50 18.69 -9.75
N GLU A 161 23.71 18.37 -9.32
CA GLU A 161 24.48 17.27 -9.90
C GLU A 161 24.69 16.27 -8.80
N ARG A 162 24.41 16.70 -7.58
CA ARG A 162 24.55 15.86 -6.40
C ARG A 162 23.17 15.30 -6.04
N THR A 163 23.17 14.14 -5.37
CA THR A 163 21.95 13.50 -4.90
C THR A 163 21.69 14.13 -3.51
N PHE A 164 20.53 13.85 -2.91
CA PHE A 164 20.18 14.38 -1.58
C PHE A 164 21.18 13.86 -0.54
N ALA A 165 21.71 12.66 -0.78
CA ALA A 165 22.66 12.01 0.13
C ALA A 165 24.03 12.66 0.21
N GLU A 166 24.31 13.60 -0.71
CA GLU A 166 25.59 14.32 -0.71
C GLU A 166 25.39 15.80 -0.37
N MET A 167 24.20 16.13 0.11
CA MET A 167 23.86 17.50 0.44
C MET A 167 23.58 17.56 1.93
N THR A 168 23.89 18.69 2.53
CA THR A 168 23.64 18.86 3.94
C THR A 168 22.23 19.35 4.13
N THR A 169 21.71 19.16 5.34
CA THR A 169 20.37 19.61 5.73
C THR A 169 20.09 21.01 5.23
N GLU A 170 21.08 21.90 5.38
CA GLU A 170 20.97 23.29 4.95
C GLU A 170 21.00 23.43 3.42
N GLU A 171 21.68 22.56 2.71
CA GLU A 171 21.64 22.64 1.24
C GLU A 171 20.31 22.22 0.68
N LYS A 172 19.54 21.44 1.44
CA LYS A 172 18.23 20.95 0.99
C LYS A 172 17.05 21.63 1.65
N SER A 173 17.34 22.55 2.58
CA SER A 173 16.31 23.21 3.35
C SER A 173 15.27 24.01 2.65
N GLN A 174 15.61 24.57 1.49
CA GLN A 174 14.69 25.41 0.74
C GLN A 174 14.08 24.72 -0.46
N ILE A 175 14.68 23.63 -0.88
CA ILE A 175 14.21 22.94 -2.06
C ILE A 175 13.35 21.71 -1.84
N SER A 176 13.35 21.18 -0.62
CA SER A 176 12.62 19.96 -0.31
C SER A 176 11.11 20.04 -0.36
N HIS A 177 10.49 18.89 -0.65
CA HIS A 177 9.04 18.77 -0.75
C HIS A 177 8.39 19.08 0.60
N ARG A 178 9.07 18.66 1.65
CA ARG A 178 8.61 18.82 3.01
C ARG A 178 8.62 20.26 3.36
N LYS A 179 9.69 20.93 2.95
CA LYS A 179 9.83 22.35 3.18
C LYS A 179 8.70 23.11 2.46
N LYS A 180 8.51 22.74 1.20
CA LYS A 180 7.50 23.33 0.35
C LYS A 180 6.07 23.10 0.88
N ALA A 181 5.84 21.91 1.41
CA ALA A 181 4.51 21.59 1.95
C ALA A 181 4.21 22.48 3.16
N PHE A 182 5.21 22.62 4.04
CA PHE A 182 5.05 23.41 5.26
C PHE A 182 4.95 24.92 5.01
N GLU A 183 5.47 25.40 3.89
CA GLU A 183 5.33 26.81 3.53
C GLU A 183 3.89 27.04 3.07
N GLU A 184 3.30 26.02 2.46
CA GLU A 184 1.91 26.10 2.01
C GLU A 184 0.95 26.09 3.20
N PHE A 185 1.26 25.28 4.21
CA PHE A 185 0.46 25.20 5.42
C PHE A 185 0.61 26.55 6.13
N LYS A 186 1.81 27.11 6.09
CA LYS A 186 2.10 28.41 6.68
C LYS A 186 1.29 29.54 6.04
N LYS A 187 1.23 29.55 4.71
CA LYS A 187 0.47 30.55 3.95
C LYS A 187 -0.89 30.50 4.57
N PHE A 188 -1.48 29.30 4.57
CA PHE A 188 -2.81 29.04 5.14
C PHE A 188 -3.01 29.55 6.57
N LEU A 189 -1.99 29.39 7.43
CA LEU A 189 -2.06 29.87 8.82
C LEU A 189 -1.96 31.41 8.86
N LEU A 190 -1.09 31.96 8.02
CA LEU A 190 -0.88 33.39 7.94
C LEU A 190 -2.14 34.10 7.49
N ASP A 191 -2.40 34.06 6.19
CA ASP A 191 -3.58 34.71 5.65
C ASP A 191 -4.88 34.11 6.16
N ARG A 192 -4.80 33.40 7.28
CA ARG A 192 -5.98 32.77 7.89
C ARG A 192 -6.81 33.78 8.67
N ILE A 193 -8.11 33.53 8.73
CA ILE A 193 -9.05 34.40 9.43
C ILE A 193 -9.44 33.82 10.79
N LYS B 10 -28.56 -15.30 4.85
CA LYS B 10 -27.51 -15.21 3.84
C LYS B 10 -26.35 -14.33 4.31
N ILE B 11 -25.15 -14.64 3.82
CA ILE B 11 -23.95 -13.90 4.17
C ILE B 11 -23.54 -13.04 2.96
N TYR B 12 -23.27 -11.77 3.20
CA TYR B 12 -22.89 -10.88 2.13
C TYR B 12 -21.39 -10.82 1.91
N PHE B 13 -21.05 -10.59 0.66
CA PHE B 13 -19.68 -10.50 0.22
C PHE B 13 -19.50 -9.07 -0.28
N ALA B 14 -18.82 -8.24 0.50
CA ALA B 14 -18.56 -6.84 0.13
C ALA B 14 -17.52 -6.86 -0.98
N THR B 15 -17.96 -7.02 -2.22
CA THR B 15 -17.06 -7.07 -3.37
C THR B 15 -17.68 -6.56 -4.68
N GLY B 16 -16.82 -6.07 -5.58
CA GLY B 16 -17.31 -5.54 -6.84
C GLY B 16 -17.30 -6.58 -7.95
N ASN B 17 -16.54 -7.64 -7.77
CA ASN B 17 -16.47 -8.70 -8.77
C ASN B 17 -17.62 -9.67 -8.44
N PRO B 18 -18.49 -9.94 -9.43
CA PRO B 18 -19.59 -10.87 -9.13
C PRO B 18 -19.18 -12.32 -9.30
N ASN B 19 -18.11 -12.55 -10.06
CA ASN B 19 -17.61 -13.90 -10.28
C ASN B 19 -17.05 -14.41 -8.95
N LYS B 20 -16.70 -13.47 -8.08
CA LYS B 20 -16.16 -13.81 -6.78
C LYS B 20 -17.27 -14.45 -5.94
N ILE B 21 -18.48 -13.91 -6.04
CA ILE B 21 -19.60 -14.47 -5.28
C ILE B 21 -20.15 -15.70 -5.99
N LYS B 22 -19.69 -15.91 -7.23
CA LYS B 22 -20.07 -17.06 -8.05
C LYS B 22 -19.09 -18.19 -7.72
N GLU B 23 -17.85 -17.80 -7.45
CA GLU B 23 -16.78 -18.74 -7.10
C GLU B 23 -17.08 -19.24 -5.67
N ALA B 24 -17.39 -18.30 -4.79
CA ALA B 24 -17.70 -18.56 -3.39
C ALA B 24 -18.91 -19.49 -3.18
N ASN B 25 -20.00 -19.23 -3.89
CA ASN B 25 -21.21 -20.04 -3.78
C ASN B 25 -21.01 -21.46 -4.28
N ILE B 26 -20.05 -21.64 -5.19
CA ILE B 26 -19.75 -22.96 -5.72
C ILE B 26 -19.25 -23.76 -4.52
N ILE B 27 -18.12 -23.33 -3.98
CA ILE B 27 -17.55 -24.00 -2.82
C ILE B 27 -18.58 -24.17 -1.71
N LEU B 28 -19.57 -23.27 -1.64
CA LEU B 28 -20.62 -23.35 -0.62
C LEU B 28 -21.70 -24.36 -1.00
N LYS B 29 -21.59 -24.90 -2.20
CA LYS B 29 -22.53 -25.88 -2.74
C LYS B 29 -23.37 -26.65 -1.70
N ASP B 30 -22.72 -27.59 -1.02
CA ASP B 30 -23.35 -28.46 -0.01
C ASP B 30 -24.13 -27.80 1.11
N LEU B 31 -23.48 -26.88 1.81
CA LEU B 31 -24.11 -26.19 2.92
C LEU B 31 -25.53 -25.75 2.61
N LYS B 32 -26.39 -25.77 3.61
CA LYS B 32 -27.80 -25.40 3.45
C LYS B 32 -28.03 -23.90 3.64
N ASP B 33 -26.93 -23.16 3.83
CA ASP B 33 -26.96 -21.71 4.00
C ASP B 33 -26.30 -21.11 2.77
N VAL B 34 -25.89 -22.01 1.86
CA VAL B 34 -25.21 -21.70 0.60
C VAL B 34 -25.19 -20.23 0.22
N GLU B 35 -26.28 -19.54 0.52
CA GLU B 35 -26.44 -18.14 0.18
C GLU B 35 -25.34 -17.15 0.54
N ILE B 36 -24.55 -16.79 -0.46
CA ILE B 36 -23.52 -15.77 -0.32
C ILE B 36 -24.12 -14.67 -1.20
N GLU B 37 -24.23 -13.46 -0.69
CA GLU B 37 -24.83 -12.41 -1.49
C GLU B 37 -23.96 -11.18 -1.72
N GLN B 38 -23.60 -10.91 -2.96
CA GLN B 38 -22.78 -9.74 -3.24
C GLN B 38 -23.47 -8.50 -2.71
N ILE B 39 -22.68 -7.54 -2.25
CA ILE B 39 -23.20 -6.28 -1.76
C ILE B 39 -22.11 -5.25 -2.08
N LYS B 40 -22.54 -4.15 -2.70
CA LYS B 40 -21.68 -3.06 -3.15
C LYS B 40 -21.36 -2.04 -2.06
N ILE B 41 -20.66 -2.52 -1.03
CA ILE B 41 -20.24 -1.66 0.03
C ILE B 41 -18.73 -1.65 0.04
N SER B 42 -18.19 -0.44 -0.16
CA SER B 42 -16.76 -0.21 -0.22
C SER B 42 -16.14 0.02 1.15
N TYR B 43 -14.90 -0.42 1.32
CA TYR B 43 -14.23 -0.19 2.59
C TYR B 43 -12.79 0.21 2.30
N PRO B 44 -12.14 0.89 3.26
CA PRO B 44 -10.74 1.33 3.14
C PRO B 44 -9.83 0.12 3.26
N GLU B 45 -8.89 -0.02 2.34
CA GLU B 45 -7.96 -1.12 2.43
C GLU B 45 -6.75 -0.46 3.07
N ILE B 46 -6.55 -0.72 4.37
CA ILE B 46 -5.42 -0.12 5.06
C ILE B 46 -4.10 -0.79 4.69
N GLN B 47 -3.01 -0.08 4.94
CA GLN B 47 -1.69 -0.62 4.67
C GLN B 47 -1.38 -1.47 5.90
N GLY B 48 -1.04 -2.72 5.68
CA GLY B 48 -0.77 -3.61 6.79
C GLY B 48 -0.73 -5.00 6.21
N THR B 49 -0.81 -6.03 7.05
CA THR B 49 -0.79 -7.36 6.49
C THR B 49 -2.13 -7.61 5.87
N LEU B 50 -2.20 -8.69 5.09
CA LEU B 50 -3.42 -9.12 4.42
C LEU B 50 -4.49 -9.30 5.47
N GLU B 51 -4.09 -9.87 6.61
CA GLU B 51 -4.99 -10.12 7.73
C GLU B 51 -5.50 -8.84 8.32
N GLU B 52 -4.65 -7.82 8.31
CA GLU B 52 -4.99 -6.50 8.84
C GLU B 52 -6.07 -5.81 7.95
N VAL B 53 -5.84 -5.87 6.64
CA VAL B 53 -6.77 -5.34 5.66
C VAL B 53 -8.12 -6.04 5.75
N ALA B 54 -8.10 -7.37 5.86
CA ALA B 54 -9.35 -8.14 5.90
C ALA B 54 -10.18 -7.89 7.16
N GLU B 55 -9.49 -7.75 8.28
CA GLU B 55 -10.10 -7.50 9.56
C GLU B 55 -10.71 -6.11 9.63
N PHE B 56 -9.93 -5.13 9.21
CA PHE B 56 -10.39 -3.76 9.16
C PHE B 56 -11.55 -3.71 8.16
N GLY B 57 -11.35 -4.22 6.97
CA GLY B 57 -12.42 -4.18 6.01
C GLY B 57 -13.69 -4.87 6.47
N ALA B 58 -13.58 -6.02 7.12
CA ALA B 58 -14.76 -6.76 7.58
C ALA B 58 -15.65 -5.97 8.54
N LYS B 59 -15.03 -5.51 9.61
CA LYS B 59 -15.69 -4.75 10.64
C LYS B 59 -16.22 -3.41 10.11
N TRP B 60 -15.54 -2.87 9.11
CA TRP B 60 -15.95 -1.59 8.53
C TRP B 60 -17.28 -1.69 7.81
N VAL B 61 -17.41 -2.67 6.93
CA VAL B 61 -18.66 -2.81 6.21
C VAL B 61 -19.75 -3.43 7.09
N TYR B 62 -19.34 -4.09 8.17
CA TYR B 62 -20.32 -4.65 9.09
C TYR B 62 -20.98 -3.54 9.91
N ASN B 63 -20.19 -2.58 10.36
CA ASN B 63 -20.73 -1.48 11.15
C ASN B 63 -21.71 -0.68 10.29
N ILE B 64 -21.51 -0.73 8.97
CA ILE B 64 -22.40 -0.06 8.01
C ILE B 64 -23.68 -0.90 7.84
N LEU B 65 -23.50 -2.12 7.31
CA LEU B 65 -24.59 -3.07 7.03
C LEU B 65 -25.27 -3.77 8.22
N LYS B 66 -24.55 -3.87 9.33
CA LYS B 66 -25.07 -4.53 10.54
C LYS B 66 -25.70 -5.88 10.22
N LYS B 67 -25.01 -6.67 9.43
CA LYS B 67 -25.47 -8.00 9.03
C LYS B 67 -24.20 -8.80 8.80
N PRO B 68 -24.29 -10.14 8.76
CA PRO B 68 -23.09 -10.95 8.53
C PRO B 68 -22.50 -10.74 7.14
N VAL B 69 -21.21 -10.42 7.10
CA VAL B 69 -20.51 -10.13 5.85
C VAL B 69 -19.08 -10.66 5.79
N ILE B 70 -18.58 -10.87 4.56
CA ILE B 70 -17.20 -11.29 4.34
C ILE B 70 -16.50 -10.35 3.34
N VAL B 71 -15.20 -10.16 3.53
CA VAL B 71 -14.41 -9.33 2.61
C VAL B 71 -13.30 -10.30 2.25
N GLU B 72 -12.43 -9.96 1.32
CA GLU B 72 -11.39 -10.89 0.97
C GLU B 72 -10.22 -10.12 0.34
N ASP B 73 -9.00 -10.42 0.78
CA ASP B 73 -7.81 -9.77 0.27
C ASP B 73 -6.71 -10.78 -0.03
N SER B 74 -6.16 -10.68 -1.23
CA SER B 74 -5.13 -11.59 -1.63
C SER B 74 -3.87 -10.84 -2.04
N GLY B 75 -2.77 -11.58 -2.06
CA GLY B 75 -1.49 -11.02 -2.45
C GLY B 75 -0.58 -12.06 -3.07
N PHE B 76 0.48 -11.58 -3.69
CA PHE B 76 1.48 -12.44 -4.31
C PHE B 76 2.70 -12.02 -3.53
N PHE B 77 3.38 -12.99 -2.94
CA PHE B 77 4.56 -12.73 -2.15
C PHE B 77 5.76 -13.46 -2.72
N VAL B 78 6.84 -12.76 -3.06
CA VAL B 78 7.99 -13.47 -3.57
C VAL B 78 9.13 -13.42 -2.57
N GLU B 79 9.72 -14.58 -2.36
CA GLU B 79 10.79 -14.77 -1.40
C GLU B 79 12.04 -13.94 -1.58
N ALA B 80 12.67 -14.01 -2.74
CA ALA B 80 13.87 -13.23 -2.94
C ALA B 80 13.63 -11.75 -2.78
N LEU B 81 12.40 -11.30 -2.99
CA LEU B 81 12.08 -9.88 -2.88
C LEU B 81 11.49 -9.50 -1.55
N ASN B 82 11.69 -10.39 -0.58
CA ASN B 82 11.24 -10.16 0.77
C ASN B 82 9.77 -10.00 1.07
N GLY B 83 8.91 -10.70 0.31
CA GLY B 83 7.48 -10.56 0.55
C GLY B 83 6.78 -9.70 -0.49
N PHE B 84 7.46 -8.65 -0.94
CA PHE B 84 6.97 -7.76 -1.97
C PHE B 84 6.39 -8.64 -3.12
N PRO B 85 5.28 -8.22 -3.77
CA PRO B 85 4.43 -7.03 -3.63
C PRO B 85 3.52 -7.15 -2.42
N GLY B 86 3.29 -8.39 -2.01
CA GLY B 86 2.47 -8.63 -0.85
C GLY B 86 1.12 -7.98 -0.97
N THR B 87 0.70 -7.30 0.09
CA THR B 87 -0.61 -6.69 0.04
C THR B 87 -0.77 -5.57 -0.99
N TYR B 88 0.33 -5.16 -1.64
CA TYR B 88 0.28 -4.09 -2.66
C TYR B 88 0.48 -4.67 -4.05
N SER B 89 0.04 -5.91 -4.22
CA SER B 89 0.18 -6.62 -5.49
C SER B 89 -0.48 -5.97 -6.67
N LYS B 90 -1.67 -5.40 -6.48
CA LYS B 90 -2.37 -4.76 -7.59
C LYS B 90 -1.66 -3.51 -8.08
N PHE B 91 -1.23 -2.69 -7.13
CA PHE B 91 -0.51 -1.45 -7.43
C PHE B 91 0.75 -1.82 -8.16
N VAL B 92 1.45 -2.82 -7.64
CA VAL B 92 2.69 -3.21 -8.29
C VAL B 92 2.39 -3.77 -9.66
N GLN B 93 1.31 -4.53 -9.80
CA GLN B 93 0.93 -5.12 -11.07
C GLN B 93 0.54 -4.04 -12.08
N GLU B 94 -0.06 -2.95 -11.63
CA GLU B 94 -0.43 -1.91 -12.55
C GLU B 94 0.68 -0.88 -12.85
N THR B 95 1.75 -0.83 -12.05
CA THR B 95 2.83 0.13 -12.32
C THR B 95 4.03 -0.47 -13.01
N ILE B 96 4.58 -1.56 -12.45
CA ILE B 96 5.74 -2.22 -13.08
C ILE B 96 5.41 -3.58 -13.71
N GLY B 97 4.25 -4.15 -13.38
CA GLY B 97 3.82 -5.43 -13.94
C GLY B 97 4.70 -6.65 -13.74
N ASN B 98 4.32 -7.75 -14.39
CA ASN B 98 5.06 -8.98 -14.31
C ASN B 98 6.48 -8.71 -14.72
N GLU B 99 6.60 -7.89 -15.75
CA GLU B 99 7.88 -7.51 -16.31
C GLU B 99 8.77 -7.01 -15.19
N GLY B 100 8.19 -6.22 -14.29
CA GLY B 100 8.95 -5.66 -13.19
C GLY B 100 9.46 -6.68 -12.19
N ILE B 101 8.68 -7.71 -11.87
CA ILE B 101 9.20 -8.68 -10.91
C ILE B 101 10.24 -9.61 -11.55
N LEU B 102 10.11 -9.84 -12.85
CA LEU B 102 11.06 -10.72 -13.54
C LEU B 102 12.42 -10.02 -13.61
N LYS B 103 12.43 -8.70 -13.79
CA LYS B 103 13.68 -7.93 -13.88
C LYS B 103 14.36 -7.89 -12.50
N LEU B 104 13.53 -7.74 -11.49
CA LEU B 104 13.96 -7.68 -10.10
C LEU B 104 14.59 -9.03 -9.76
N LEU B 105 14.06 -10.09 -10.35
CA LEU B 105 14.52 -11.47 -10.11
C LEU B 105 15.65 -11.98 -11.02
N GLU B 106 16.05 -11.20 -12.03
CA GLU B 106 17.15 -11.60 -12.91
C GLU B 106 18.36 -11.98 -12.08
N GLY B 107 19.05 -13.06 -12.48
CA GLY B 107 20.24 -13.48 -11.74
C GLY B 107 20.03 -14.05 -10.34
N LYS B 108 18.78 -14.04 -9.85
CA LYS B 108 18.49 -14.61 -8.54
C LYS B 108 18.13 -16.07 -8.79
N ASP B 109 18.58 -16.95 -7.92
CA ASP B 109 18.28 -18.37 -8.08
C ASP B 109 17.11 -18.80 -7.22
N ASN B 110 16.83 -18.05 -6.15
CA ASN B 110 15.68 -18.40 -5.32
C ASN B 110 14.47 -17.73 -5.96
N ARG B 111 13.76 -18.50 -6.76
CA ARG B 111 12.57 -18.00 -7.45
C ARG B 111 11.33 -18.40 -6.68
N ASN B 112 11.47 -18.72 -5.39
CA ASN B 112 10.33 -19.16 -4.62
C ASN B 112 9.32 -18.06 -4.30
N ALA B 113 8.03 -18.40 -4.40
CA ALA B 113 6.95 -17.45 -4.15
C ALA B 113 5.67 -18.16 -3.80
N TYR B 114 4.68 -17.40 -3.33
CA TYR B 114 3.38 -17.97 -3.02
C TYR B 114 2.22 -16.95 -3.04
N PHE B 115 1.02 -17.43 -3.35
CA PHE B 115 -0.16 -16.57 -3.34
C PHE B 115 -0.85 -16.78 -1.98
N LYS B 116 -1.53 -15.76 -1.50
CA LYS B 116 -2.22 -15.86 -0.22
C LYS B 116 -3.52 -15.11 -0.20
N THR B 117 -4.54 -15.71 0.42
CA THR B 117 -5.84 -15.06 0.54
C THR B 117 -6.29 -15.04 2.00
N VAL B 118 -6.98 -13.98 2.41
CA VAL B 118 -7.51 -13.94 3.76
C VAL B 118 -8.96 -13.45 3.64
N ILE B 119 -9.91 -14.28 4.07
CA ILE B 119 -11.30 -13.89 4.04
C ILE B 119 -11.59 -13.31 5.41
N GLY B 120 -12.09 -12.08 5.46
CA GLY B 120 -12.39 -11.49 6.74
C GLY B 120 -13.88 -11.64 6.98
N TYR B 121 -14.26 -12.35 8.04
CA TYR B 121 -15.68 -12.50 8.33
C TYR B 121 -16.02 -11.65 9.55
N CYS B 122 -17.15 -10.98 9.54
CA CYS B 122 -17.49 -10.18 10.70
C CYS B 122 -18.96 -10.27 11.01
N ASP B 123 -19.23 -10.52 12.29
CA ASP B 123 -20.55 -10.70 12.88
C ASP B 123 -20.85 -9.65 13.90
N GLU B 124 -22.03 -9.79 14.49
CA GLU B 124 -22.46 -8.93 15.57
C GLU B 124 -21.58 -9.39 16.73
N ASN B 125 -20.81 -10.44 16.48
CA ASN B 125 -19.90 -11.05 17.45
C ASN B 125 -18.49 -10.49 17.36
N GLY B 126 -17.99 -10.36 16.13
CA GLY B 126 -16.64 -9.84 15.90
C GLY B 126 -16.06 -10.37 14.60
N VAL B 127 -14.73 -10.39 14.51
CA VAL B 127 -14.06 -10.84 13.29
C VAL B 127 -13.41 -12.23 13.40
N ARG B 128 -13.41 -12.96 12.29
CA ARG B 128 -12.80 -14.28 12.16
C ARG B 128 -12.16 -14.22 10.79
N LEU B 129 -10.89 -14.63 10.70
CA LEU B 129 -10.13 -14.66 9.45
C LEU B 129 -9.93 -16.11 8.96
N PHE B 130 -9.97 -16.31 7.65
CA PHE B 130 -9.80 -17.64 7.06
C PHE B 130 -8.79 -17.45 5.94
N LYS B 131 -7.77 -18.30 5.94
CA LYS B 131 -6.67 -18.20 4.99
C LYS B 131 -6.45 -19.39 4.05
N GLY B 132 -5.84 -19.09 2.92
CA GLY B 132 -5.58 -20.09 1.91
C GLY B 132 -4.26 -19.69 1.34
N ILE B 133 -3.45 -20.67 0.94
CA ILE B 133 -2.12 -20.38 0.42
C ILE B 133 -1.67 -21.46 -0.54
N VAL B 134 -1.06 -21.02 -1.64
CA VAL B 134 -0.50 -21.93 -2.61
C VAL B 134 0.95 -21.47 -2.76
N LYS B 135 1.89 -22.34 -2.42
CA LYS B 135 3.30 -22.02 -2.53
C LYS B 135 3.74 -22.44 -3.91
N GLY B 136 4.84 -21.89 -4.39
CA GLY B 136 5.31 -22.26 -5.71
C GLY B 136 6.57 -21.51 -6.07
N ARG B 137 6.72 -21.21 -7.35
CA ARG B 137 7.93 -20.50 -7.78
C ARG B 137 7.59 -19.56 -8.91
N VAL B 138 8.50 -18.63 -9.15
CA VAL B 138 8.32 -17.66 -10.22
C VAL B 138 8.94 -18.14 -11.52
N SER B 139 8.15 -18.05 -12.59
CA SER B 139 8.58 -18.41 -13.92
C SER B 139 9.74 -17.54 -14.38
N GLU B 140 10.58 -18.06 -15.26
CA GLU B 140 11.72 -17.32 -15.78
C GLU B 140 11.23 -16.33 -16.87
N GLU B 141 9.99 -16.48 -17.29
CA GLU B 141 9.41 -15.66 -18.34
C GLU B 141 7.88 -15.77 -18.33
N ILE B 142 7.19 -14.84 -18.98
CA ILE B 142 5.73 -14.89 -19.00
C ILE B 142 5.22 -16.04 -19.87
N ARG B 143 4.26 -16.78 -19.35
CA ARG B 143 3.68 -17.93 -20.06
C ARG B 143 2.18 -17.99 -19.78
N SER B 144 1.40 -17.88 -20.85
CA SER B 144 -0.05 -17.87 -20.77
C SER B 144 -0.76 -18.60 -21.94
N LYS B 145 -1.92 -19.15 -21.58
CA LYS B 145 -2.81 -19.83 -22.51
C LYS B 145 -4.11 -19.06 -22.41
N GLY B 146 -4.06 -17.97 -21.65
CA GLY B 146 -5.24 -17.11 -21.52
C GLY B 146 -6.02 -17.15 -20.22
N TYR B 147 -5.63 -18.02 -19.30
CA TYR B 147 -6.34 -18.12 -18.02
C TYR B 147 -5.71 -17.23 -16.95
N GLY B 148 -6.49 -16.95 -15.91
CA GLY B 148 -5.97 -16.14 -14.84
C GLY B 148 -5.68 -14.70 -15.20
N PHE B 149 -5.14 -13.96 -14.24
CA PHE B 149 -4.80 -12.57 -14.44
C PHE B 149 -3.64 -12.11 -13.57
N ALA B 150 -3.10 -10.94 -13.89
CA ALA B 150 -2.01 -10.34 -13.13
C ALA B 150 -0.77 -11.24 -13.10
N TYR B 151 -0.41 -11.76 -11.93
CA TYR B 151 0.80 -12.59 -11.88
C TYR B 151 0.60 -14.08 -12.21
N ASP B 152 -0.58 -14.45 -12.63
CA ASP B 152 -0.82 -15.84 -12.93
C ASP B 152 0.11 -16.42 -13.97
N SER B 153 0.58 -15.59 -14.89
CA SER B 153 1.46 -16.07 -15.94
C SER B 153 2.94 -16.12 -15.62
N ILE B 154 3.30 -15.94 -14.33
CA ILE B 154 4.70 -16.09 -13.95
C ILE B 154 4.81 -16.92 -12.69
N PHE B 155 3.68 -17.45 -12.27
CA PHE B 155 3.64 -18.29 -11.07
C PHE B 155 3.36 -19.75 -11.48
N ILE B 156 4.25 -20.66 -11.08
CA ILE B 156 4.08 -22.09 -11.36
C ILE B 156 3.76 -22.65 -9.98
N PRO B 157 2.50 -23.09 -9.78
CA PRO B 157 2.05 -23.62 -8.49
C PRO B 157 2.89 -24.76 -7.96
N GLU B 158 2.40 -25.38 -6.89
CA GLU B 158 3.06 -26.51 -6.25
C GLU B 158 4.09 -27.25 -7.09
N GLU B 159 3.74 -28.42 -7.60
CA GLU B 159 4.68 -29.21 -8.40
C GLU B 159 4.25 -29.41 -9.86
N GLU B 160 4.00 -28.31 -10.55
CA GLU B 160 3.59 -28.35 -11.94
C GLU B 160 4.69 -27.76 -12.78
N GLU B 161 4.51 -27.80 -14.09
CA GLU B 161 5.50 -27.23 -15.00
C GLU B 161 4.86 -26.07 -15.76
N ARG B 162 3.56 -25.88 -15.54
CA ARG B 162 2.84 -24.80 -16.19
C ARG B 162 2.47 -23.75 -15.17
N THR B 163 2.36 -22.50 -15.63
CA THR B 163 1.99 -21.40 -14.75
C THR B 163 0.47 -21.44 -14.56
N PHE B 164 -0.04 -20.60 -13.67
CA PHE B 164 -1.48 -20.54 -13.43
C PHE B 164 -2.22 -20.15 -14.71
N ALA B 165 -1.61 -19.26 -15.51
CA ALA B 165 -2.23 -18.81 -16.75
C ALA B 165 -2.29 -19.87 -17.87
N GLU B 166 -1.59 -20.98 -17.69
CA GLU B 166 -1.60 -22.07 -18.66
C GLU B 166 -2.50 -23.20 -18.17
N MET B 167 -3.13 -23.02 -17.01
CA MET B 167 -4.01 -24.05 -16.44
C MET B 167 -5.45 -23.57 -16.45
N THR B 168 -6.39 -24.49 -16.63
CA THR B 168 -7.80 -24.12 -16.65
C THR B 168 -8.26 -23.96 -15.23
N THR B 169 -9.33 -23.20 -15.07
CA THR B 169 -9.94 -22.92 -13.78
C THR B 169 -10.11 -24.21 -12.99
N GLU B 170 -10.54 -25.25 -13.70
CA GLU B 170 -10.74 -26.55 -13.13
C GLU B 170 -9.39 -27.11 -12.71
N GLU B 171 -8.46 -27.20 -13.65
CA GLU B 171 -7.12 -27.70 -13.36
C GLU B 171 -6.51 -27.20 -12.03
N LYS B 172 -6.73 -25.95 -11.67
CA LYS B 172 -6.18 -25.47 -10.41
C LYS B 172 -7.28 -25.51 -9.35
N SER B 173 -8.16 -26.51 -9.48
CA SER B 173 -9.26 -26.71 -8.54
C SER B 173 -8.70 -26.96 -7.13
N GLN B 174 -7.54 -27.63 -7.08
CA GLN B 174 -6.87 -27.96 -5.84
C GLN B 174 -5.85 -26.90 -5.45
N ILE B 175 -5.02 -26.49 -6.41
CA ILE B 175 -4.00 -25.47 -6.15
C ILE B 175 -4.51 -24.04 -6.16
N SER B 176 -5.60 -23.77 -5.46
CA SER B 176 -6.14 -22.42 -5.42
C SER B 176 -6.19 -21.88 -4.02
N HIS B 177 -5.42 -20.82 -3.78
CA HIS B 177 -5.40 -20.18 -2.50
C HIS B 177 -6.79 -19.62 -2.24
N ARG B 178 -7.46 -19.16 -3.29
CA ARG B 178 -8.80 -18.59 -3.10
C ARG B 178 -9.81 -19.61 -2.55
N LYS B 179 -9.83 -20.81 -3.11
CA LYS B 179 -10.75 -21.84 -2.62
C LYS B 179 -10.30 -22.40 -1.26
N LYS B 180 -9.00 -22.60 -1.08
CA LYS B 180 -8.47 -23.07 0.20
C LYS B 180 -8.94 -22.16 1.34
N ALA B 181 -8.91 -20.85 1.11
CA ALA B 181 -9.36 -19.90 2.12
C ALA B 181 -10.85 -20.09 2.34
N PHE B 182 -11.56 -20.34 1.25
CA PHE B 182 -13.00 -20.51 1.33
C PHE B 182 -13.45 -21.86 1.91
N GLU B 183 -12.67 -22.92 1.68
CA GLU B 183 -13.00 -24.25 2.23
C GLU B 183 -12.88 -24.11 3.72
N GLU B 184 -11.89 -23.31 4.15
CA GLU B 184 -11.69 -23.04 5.58
C GLU B 184 -12.93 -22.37 6.17
N PHE B 185 -13.49 -21.41 5.44
CA PHE B 185 -14.69 -20.69 5.84
C PHE B 185 -15.91 -21.62 5.90
N LYS B 186 -15.97 -22.59 4.98
CA LYS B 186 -17.07 -23.55 4.89
C LYS B 186 -17.10 -24.49 6.09
N LYS B 187 -15.94 -24.75 6.69
CA LYS B 187 -15.88 -25.63 7.86
C LYS B 187 -16.38 -24.89 9.10
N PHE B 188 -16.30 -23.55 9.07
CA PHE B 188 -16.72 -22.70 10.20
C PHE B 188 -18.25 -22.52 10.15
N LEU B 189 -18.80 -22.64 8.95
CA LEU B 189 -20.23 -22.52 8.75
C LEU B 189 -20.85 -23.87 9.09
N LEU B 190 -20.18 -24.92 8.63
CA LEU B 190 -20.61 -26.29 8.87
C LEU B 190 -20.76 -26.58 10.36
N ASP B 191 -20.15 -25.75 11.20
CA ASP B 191 -20.23 -25.93 12.65
C ASP B 191 -21.33 -25.11 13.31
N ARG B 192 -21.93 -24.18 12.57
CA ARG B 192 -22.99 -23.35 13.13
C ARG B 192 -24.31 -23.73 12.48
N ILE B 193 -25.28 -24.08 13.32
CA ILE B 193 -26.61 -24.51 12.89
C ILE B 193 -27.67 -24.09 13.90
#